data_5CMX
#
_entry.id   5CMX
#
_cell.length_a   77.319
_cell.length_b   124.420
_cell.length_c   40.440
_cell.angle_alpha   90.00
_cell.angle_beta   90.00
_cell.angle_gamma   90.00
#
_symmetry.space_group_name_H-M   'P 21 21 2'
#
loop_
_entity.id
_entity.type
_entity.pdbx_description
1 polymer 'alpha thrombin-light chain'
2 polymer 'Thrombin heavy chain'
3 polymer RE31
4 non-polymer D-phenylalanyl-N-[(2S,3S)-6-{[amino(iminio)methyl]amino}-1-chloro-2-hydroxyhexan-3-yl]-L-prolinamide
5 non-polymer 'POTASSIUM ION'
6 water water
#
loop_
_entity_poly.entity_id
_entity_poly.type
_entity_poly.pdbx_seq_one_letter_code
_entity_poly.pdbx_strand_id
1 'polypeptide(L)' TFGSGEADCGLRPLFEKKSLEDKTERELLESYIDGR L
2 'polypeptide(L)'
;IVEGSDAEIGMSPWQVMLFRKSPQELLCGASLISDRWVLTAAHCLLYPPWDKNFTENDLLVRIGKHSRTRYERNIEKISM
LEKIYIHPRYNWRENLDRDIALMKLKKPVAFSDYIHPVCLPDRETAASLLQAGYKGRVTGWGNLKETWTANVGKGQPSVL
QVVNLPIVERPVCKDSTRIRITDNMFCAGYKPDEGKRGDACEGDSGGPFVMKSPFNNRWYQMGIVSWGEGCDRDGKYGFY
THVFRLKKWIQKVIDQFGE
;
H
3 'polydeoxyribonucleotide'
;(DG)(DT)(DG)(DA)(DC)(DG)(DT)(DA)(DG)(DG)(DT)(DT)(DG)(DG)(DT)(DG)(DT)(DG)(DG)(DT)
(DT)(DG)(DG)(DG)(DG)(DC)(DG)(DT)(DC)(DA)(DC)
;
A
#
loop_
_chem_comp.id
_chem_comp.type
_chem_comp.name
_chem_comp.formula
0G6 peptide-like D-phenylalanyl-N-[(2S,3S)-6-{[amino(iminio)methyl]amino}-1-chloro-2-hydroxyhexan-3-yl]-L-prolinamide 'C21 H34 Cl N6 O3 1'
DA DNA linking 2'-DEOXYADENOSINE-5'-MONOPHOSPHATE 'C10 H14 N5 O6 P'
DC DNA linking 2'-DEOXYCYTIDINE-5'-MONOPHOSPHATE 'C9 H14 N3 O7 P'
DG DNA linking 2'-DEOXYGUANOSINE-5'-MONOPHOSPHATE 'C10 H14 N5 O7 P'
DT DNA linking THYMIDINE-5'-MONOPHOSPHATE 'C10 H15 N2 O8 P'
K non-polymer 'POTASSIUM ION' 'K 1'
#
# COMPACT_ATOMS: atom_id res chain seq x y z
N GLU A 6 -4.43 15.90 -6.31
CA GLU A 6 -5.80 15.28 -6.40
C GLU A 6 -6.50 15.49 -7.76
N ALA A 7 -6.49 16.72 -8.28
CA ALA A 7 -6.97 16.98 -9.66
C ALA A 7 -6.16 16.20 -10.72
N ASP A 8 -4.87 16.00 -10.43
CA ASP A 8 -3.97 15.37 -11.37
C ASP A 8 -3.44 14.04 -10.82
N CYS A 9 -4.31 13.28 -10.14
CA CYS A 9 -3.87 12.08 -9.43
C CYS A 9 -3.54 10.92 -10.38
N GLY A 10 -2.74 9.98 -9.92
CA GLY A 10 -2.45 8.76 -10.66
C GLY A 10 -1.63 8.86 -11.94
N LEU A 11 -1.33 10.06 -12.40
CA LEU A 11 -0.49 10.21 -13.59
C LEU A 11 0.92 10.48 -13.12
N ARG A 12 1.78 9.47 -13.30
CA ARG A 12 3.17 9.53 -12.86
C ARG A 12 3.96 10.41 -13.81
N PRO A 13 4.70 11.41 -13.25
CA PRO A 13 5.60 12.28 -14.02
C PRO A 13 6.53 11.59 -15.00
N LEU A 14 7.11 10.47 -14.59
CA LEU A 14 8.09 9.78 -15.42
C LEU A 14 7.53 8.68 -16.36
N PHE A 15 6.21 8.53 -16.43
CA PHE A 15 5.59 7.44 -17.21
C PHE A 15 4.37 7.87 -18.02
N GLU A 16 3.28 8.16 -17.33
CA GLU A 16 2.06 8.62 -17.99
C GLU A 16 2.30 9.96 -18.68
N LYS A 17 3.02 10.84 -17.99
CA LYS A 17 3.23 12.19 -18.43
C LYS A 17 4.23 12.30 -19.57
N LYS A 18 5.16 11.37 -19.61
CA LYS A 18 6.16 11.32 -20.66
C LYS A 18 5.89 10.17 -21.63
N SER A 19 4.80 9.46 -21.37
CA SER A 19 4.23 8.51 -22.29
C SER A 19 5.10 7.28 -22.41
N LEU A 20 5.47 6.76 -21.24
CA LEU A 20 6.30 5.58 -21.11
C LEU A 20 5.58 4.55 -20.25
N GLU A 21 5.92 3.31 -20.55
CA GLU A 21 5.45 2.17 -19.79
C GLU A 21 6.55 1.76 -18.81
N ASP A 22 6.22 1.68 -17.54
CA ASP A 22 7.05 0.90 -16.64
C ASP A 22 7.04 -0.54 -17.18
N LYS A 23 7.96 -1.35 -16.70
CA LYS A 23 8.30 -2.59 -17.40
C LYS A 23 7.49 -3.79 -16.98
N THR A 24 6.43 -3.58 -16.20
CA THR A 24 5.48 -4.63 -15.86
C THR A 24 4.01 -4.18 -15.88
N GLU A 25 3.71 -2.96 -16.33
CA GLU A 25 2.31 -2.49 -16.28
C GLU A 25 1.42 -3.27 -17.24
N ARG A 26 1.95 -3.68 -18.39
CA ARG A 26 1.18 -4.50 -19.33
C ARG A 26 0.86 -5.87 -18.79
N GLU A 27 1.66 -6.36 -17.84
CA GLU A 27 1.26 -7.54 -17.10
C GLU A 27 -0.17 -7.33 -16.62
N LEU A 28 -0.36 -6.18 -15.97
CA LEU A 28 -1.61 -5.83 -15.25
C LEU A 28 -2.80 -5.71 -16.18
N LEU A 29 -2.63 -4.91 -17.24
CA LEU A 29 -3.70 -4.65 -18.24
C LEU A 29 -4.17 -5.92 -18.89
N GLU A 30 -3.22 -6.71 -19.38
CA GLU A 30 -3.51 -8.00 -19.97
C GLU A 30 -4.44 -8.84 -19.11
N SER A 31 -4.24 -8.78 -17.80
CA SER A 31 -5.07 -9.53 -16.84
C SER A 31 -6.59 -9.24 -16.89
N TYR A 32 -7.00 -8.18 -17.59
CA TYR A 32 -8.43 -7.82 -17.70
C TYR A 32 -9.36 -8.66 -18.63
N ILE A 33 -8.88 -9.82 -19.09
CA ILE A 33 -9.70 -10.85 -19.71
C ILE A 33 -9.98 -11.94 -18.68
N ILE B 1 8.52 -7.78 0.47
CA ILE B 1 7.97 -8.27 -0.83
C ILE B 1 8.79 -9.46 -1.37
N VAL B 2 8.13 -10.60 -1.46
CA VAL B 2 8.77 -11.84 -1.89
C VAL B 2 8.40 -12.17 -3.34
N GLU B 3 9.43 -12.53 -4.10
CA GLU B 3 9.37 -12.79 -5.55
C GLU B 3 8.97 -11.54 -6.35
N GLY B 4 9.48 -10.41 -5.86
CA GLY B 4 9.35 -9.13 -6.52
C GLY B 4 10.68 -8.81 -7.14
N SER B 5 10.88 -7.52 -7.37
CA SER B 5 12.11 -6.99 -7.91
C SER B 5 12.16 -5.47 -7.81
N ASP B 6 13.37 -4.95 -7.94
CA ASP B 6 13.68 -3.53 -7.91
C ASP B 6 12.71 -2.70 -8.71
N ALA B 7 12.36 -1.55 -8.14
CA ALA B 7 11.40 -0.66 -8.73
C ALA B 7 12.14 0.39 -9.50
N GLU B 8 11.52 0.82 -10.60
CA GLU B 8 12.13 1.73 -11.53
C GLU B 8 11.88 3.07 -10.96
N ILE B 9 12.86 3.95 -11.08
CA ILE B 9 12.74 5.26 -10.46
C ILE B 9 11.46 5.94 -10.92
N GLY B 10 10.88 6.68 -9.97
CA GLY B 10 9.63 7.37 -10.13
C GLY B 10 8.46 6.50 -10.51
N MET B 11 8.56 5.17 -10.37
CA MET B 11 7.48 4.29 -10.83
C MET B 11 6.35 4.18 -9.84
N SER B 12 6.58 4.67 -8.61
CA SER B 12 5.57 4.69 -7.56
C SER B 12 5.66 5.95 -6.70
N PRO B 13 5.41 7.13 -7.29
CA PRO B 13 5.70 8.38 -6.61
C PRO B 13 4.80 8.71 -5.41
N TRP B 14 3.79 7.89 -5.16
CA TRP B 14 2.90 8.02 -4.00
C TRP B 14 3.46 7.20 -2.85
N GLN B 15 4.50 6.38 -3.10
CA GLN B 15 5.09 5.59 -2.05
C GLN B 15 5.68 6.50 -0.97
N VAL B 16 5.23 6.21 0.25
CA VAL B 16 5.64 6.87 1.47
C VAL B 16 6.24 5.86 2.45
N MET B 17 7.24 6.33 3.19
CA MET B 17 7.97 5.51 4.11
C MET B 17 7.64 5.98 5.52
N LEU B 18 7.13 5.06 6.33
CA LEU B 18 6.76 5.36 7.71
C LEU B 18 7.92 4.99 8.62
N PHE B 19 8.34 5.95 9.42
CA PHE B 19 9.66 5.91 9.99
C PHE B 19 9.67 6.29 11.45
N ARG B 20 10.15 5.37 12.26
CA ARG B 20 10.21 5.55 13.67
C ARG B 20 11.40 6.42 13.99
N LYS B 21 11.22 7.29 14.95
CA LYS B 21 12.16 8.33 15.23
C LYS B 21 13.29 7.81 16.16
N SER B 22 12.97 7.01 17.18
CA SER B 22 13.95 6.40 18.08
C SER B 22 13.48 5.02 18.58
N PRO B 23 14.19 3.91 18.24
CA PRO B 23 15.37 3.84 17.37
C PRO B 23 15.01 4.24 15.95
N GLN B 24 15.89 4.96 15.26
CA GLN B 24 15.56 5.32 13.88
C GLN B 24 15.36 4.01 13.14
N GLU B 25 14.18 3.83 12.59
CA GLU B 25 13.80 2.55 12.07
C GLU B 25 12.62 2.72 11.14
N LEU B 26 12.75 2.21 9.93
CA LEU B 26 11.62 1.98 9.04
C LEU B 26 10.59 1.12 9.78
N LEU B 27 9.34 1.54 9.77
CA LEU B 27 8.24 0.75 10.34
C LEU B 27 7.36 0.12 9.29
N CYS B 28 6.89 0.94 8.36
CA CYS B 28 5.83 0.55 7.45
C CYS B 28 5.85 1.36 6.18
N GLY B 29 5.19 0.83 5.17
CA GLY B 29 4.80 1.60 4.01
C GLY B 29 3.62 2.51 4.28
N ALA B 30 3.32 3.36 3.31
CA ALA B 30 2.21 4.31 3.36
C ALA B 30 1.98 4.88 1.95
N SER B 31 0.98 5.72 1.80
CA SER B 31 0.66 6.28 0.48
C SER B 31 0.18 7.73 0.55
N LEU B 32 0.66 8.54 -0.41
CA LEU B 32 0.32 9.96 -0.52
C LEU B 32 -0.96 10.05 -1.34
N ILE B 33 -1.98 10.67 -0.76
CA ILE B 33 -3.30 10.81 -1.39
C ILE B 33 -3.65 12.26 -1.73
N SER B 34 -2.97 13.19 -1.05
CA SER B 34 -2.93 14.60 -1.43
C SER B 34 -1.58 15.22 -1.01
N ASP B 35 -1.41 16.52 -1.20
CA ASP B 35 -0.30 17.23 -0.60
C ASP B 35 -0.24 17.15 0.93
N ARG B 36 -1.38 17.27 1.59
CA ARG B 36 -1.41 17.27 3.05
C ARG B 36 -2.03 16.06 3.75
N TRP B 37 -2.00 14.91 3.09
CA TRP B 37 -2.56 13.67 3.70
C TRP B 37 -1.92 12.38 3.23
N VAL B 38 -1.72 11.48 4.18
CA VAL B 38 -1.07 10.17 3.93
C VAL B 38 -1.87 8.98 4.52
N LEU B 39 -1.93 7.88 3.78
CA LEU B 39 -2.72 6.73 4.18
C LEU B 39 -1.85 5.53 4.54
N THR B 40 -2.04 4.97 5.74
CA THR B 40 -1.28 3.77 6.20
C THR B 40 -2.20 2.81 6.95
N ALA B 41 -1.66 1.66 7.33
CA ALA B 41 -2.40 0.59 7.97
C ALA B 41 -2.42 0.91 9.45
N ALA B 42 -3.59 0.86 10.07
CA ALA B 42 -3.70 1.23 11.49
C ALA B 42 -2.71 0.51 12.40
N HIS B 43 -2.50 -0.77 12.14
CA HIS B 43 -1.65 -1.61 12.98
C HIS B 43 -0.19 -1.19 12.95
N CYS B 44 0.23 -0.49 11.91
CA CYS B 44 1.52 0.19 11.97
C CYS B 44 1.64 1.12 13.18
N LEU B 45 0.52 1.63 13.66
CA LEU B 45 0.51 2.57 14.80
C LEU B 45 -0.02 2.03 16.13
N LEU B 46 -1.08 1.24 16.06
CA LEU B 46 -1.76 0.74 17.23
C LEU B 46 -1.89 -0.77 17.10
N TYR B 47 -1.11 -1.48 17.91
CA TYR B 47 -1.25 -2.91 18.08
C TYR B 47 -0.86 -3.26 19.52
N PRO B 48 -1.85 -3.20 20.46
CA PRO B 48 -1.67 -3.63 21.85
C PRO B 48 -1.08 -5.03 22.02
N PRO B 49 -1.55 -6.04 21.27
CA PRO B 49 -0.92 -7.37 21.43
C PRO B 49 0.62 -7.44 21.35
N TRP B 50 1.25 -6.49 20.64
CA TRP B 50 2.71 -6.28 20.68
C TRP B 50 3.09 -4.97 21.35
N ASP B 51 2.27 -4.52 22.30
CA ASP B 51 2.52 -3.25 23.00
C ASP B 51 2.69 -1.96 22.14
N LYS B 52 2.42 -1.99 20.83
CA LYS B 52 2.59 -0.77 19.99
C LYS B 52 1.43 0.22 20.16
N ASN B 53 1.80 1.45 20.53
CA ASN B 53 0.83 2.53 20.66
C ASN B 53 1.59 3.85 20.37
N PHE B 54 2.14 3.95 19.16
CA PHE B 54 2.81 5.18 18.73
C PHE B 54 1.88 6.38 18.64
N THR B 55 2.46 7.56 18.76
CA THR B 55 1.75 8.83 18.59
C THR B 55 2.52 9.71 17.60
N GLU B 56 2.13 10.98 17.46
CA GLU B 56 2.57 11.82 16.33
C GLU B 56 4.06 12.12 16.35
N ASN B 57 4.55 12.46 17.53
CA ASN B 57 5.90 12.93 17.71
C ASN B 57 6.87 11.75 17.81
N ASP B 58 6.31 10.55 17.85
CA ASP B 58 7.07 9.33 17.79
C ASP B 58 7.53 9.01 16.38
N LEU B 59 6.97 9.66 15.36
CA LEU B 59 7.14 9.21 13.98
C LEU B 59 7.43 10.38 13.06
N LEU B 60 7.86 10.02 11.87
CA LEU B 60 8.02 10.94 10.79
C LEU B 60 7.76 10.13 9.55
N VAL B 61 7.62 10.86 8.46
CA VAL B 61 7.18 10.31 7.20
C VAL B 61 8.14 10.76 6.09
N ARG B 62 8.50 9.85 5.20
CA ARG B 62 9.54 10.14 4.21
C ARG B 62 9.06 9.84 2.83
N ILE B 63 8.91 10.88 2.05
CA ILE B 63 8.25 10.75 0.77
C ILE B 63 9.22 10.97 -0.39
N GLY B 64 9.02 10.21 -1.45
CA GLY B 64 9.82 10.33 -2.67
C GLY B 64 11.08 9.47 -2.70
N LYS B 65 11.18 8.55 -1.72
CA LYS B 65 12.34 7.69 -1.54
C LYS B 65 12.39 6.47 -2.45
N HIS B 66 13.58 5.88 -2.49
CA HIS B 66 13.86 4.70 -3.30
C HIS B 66 14.84 3.80 -2.60
N SER B 67 15.97 4.35 -2.19
CA SER B 67 16.89 3.64 -1.34
C SER B 67 16.17 3.39 -0.05
N ARG B 68 16.32 2.19 0.50
CA ARG B 68 15.69 1.86 1.78
C ARG B 68 16.28 2.70 2.90
N THR B 69 17.58 2.96 2.86
CA THR B 69 18.30 3.56 3.98
C THR B 69 18.84 5.00 3.78
N ARG B 70 19.57 5.30 2.71
CA ARG B 70 20.34 6.57 2.76
C ARG B 70 19.47 7.76 2.49
N TYR B 71 19.91 8.93 2.93
CA TYR B 71 19.16 10.18 2.75
C TYR B 71 19.33 10.66 1.31
N GLU B 72 18.32 10.41 0.49
CA GLU B 72 18.34 10.74 -0.91
C GLU B 72 18.04 12.21 -1.08
N ARG B 73 19.11 12.98 -0.97
CA ARG B 73 19.13 14.43 -0.91
C ARG B 73 18.52 15.15 -2.10
N ASN B 74 17.71 16.16 -1.82
CA ASN B 74 16.93 16.86 -2.85
C ASN B 74 16.09 15.94 -3.73
N ILE B 75 15.74 14.78 -3.19
CA ILE B 75 14.80 13.88 -3.83
C ILE B 75 13.73 13.69 -2.78
N GLU B 76 14.07 13.01 -1.71
CA GLU B 76 13.09 12.74 -0.68
C GLU B 76 12.72 13.98 0.12
N LYS B 77 11.46 14.02 0.53
CA LYS B 77 10.99 15.05 1.43
C LYS B 77 10.52 14.35 2.71
N ILE B 78 10.85 14.96 3.84
CA ILE B 78 10.51 14.44 5.11
C ILE B 78 9.43 15.29 5.77
N SER B 79 8.43 14.67 6.36
CA SER B 79 7.43 15.45 7.08
C SER B 79 7.16 14.85 8.44
N MET B 80 6.97 15.73 9.42
CA MET B 80 6.41 15.38 10.70
C MET B 80 4.89 15.35 10.61
N LEU B 81 4.28 14.84 11.67
CA LEU B 81 2.83 14.63 11.73
C LEU B 81 2.10 15.61 12.65
N GLU B 82 1.05 16.24 12.12
CA GLU B 82 0.12 17.00 12.95
C GLU B 82 -0.81 16.09 13.70
N LYS B 83 -1.39 15.12 13.01
CA LYS B 83 -2.45 14.31 13.58
C LYS B 83 -2.41 12.93 13.04
N ILE B 84 -2.63 11.96 13.90
CA ILE B 84 -2.92 10.60 13.47
C ILE B 84 -4.41 10.29 13.64
N TYR B 85 -5.00 9.66 12.65
CA TYR B 85 -6.40 9.29 12.70
C TYR B 85 -6.57 7.80 12.43
N ILE B 86 -6.94 7.06 13.47
CA ILE B 86 -7.29 5.64 13.35
C ILE B 86 -8.82 5.43 13.24
N HIS B 87 -9.18 4.44 12.43
CA HIS B 87 -10.56 4.07 12.24
C HIS B 87 -11.12 3.67 13.59
N PRO B 88 -12.28 4.22 13.96
CA PRO B 88 -12.76 4.00 15.30
C PRO B 88 -13.17 2.54 15.56
N ARG B 89 -13.77 1.90 14.56
CA ARG B 89 -14.02 0.43 14.53
C ARG B 89 -12.84 -0.46 14.11
N TYR B 90 -11.62 0.04 14.21
CA TYR B 90 -10.44 -0.74 13.85
C TYR B 90 -10.27 -1.90 14.85
N ASN B 91 -10.26 -3.15 14.35
CA ASN B 91 -10.22 -4.33 15.25
C ASN B 91 -8.92 -5.14 15.43
N TRP B 92 -8.21 -4.82 16.51
CA TRP B 92 -6.92 -5.45 16.85
C TRP B 92 -7.01 -6.68 17.77
N ARG B 93 -8.20 -6.87 18.36
CA ARG B 93 -8.48 -8.02 19.23
C ARG B 93 -8.59 -9.30 18.38
N GLU B 94 -9.33 -9.24 17.28
CA GLU B 94 -9.52 -10.45 16.45
C GLU B 94 -8.80 -10.50 15.11
N ASN B 95 -9.10 -9.60 14.19
CA ASN B 95 -8.78 -9.87 12.76
C ASN B 95 -8.18 -8.73 11.94
N LEU B 96 -7.89 -7.59 12.57
CA LEU B 96 -7.49 -6.37 11.86
C LEU B 96 -8.56 -5.86 10.90
N ASP B 97 -9.80 -5.89 11.36
CA ASP B 97 -10.93 -5.39 10.58
C ASP B 97 -10.84 -3.89 10.57
N ARG B 98 -10.73 -3.33 9.36
CA ARG B 98 -10.57 -1.90 9.16
C ARG B 98 -9.22 -1.40 9.65
N ASP B 99 -8.17 -2.11 9.24
CA ASP B 99 -6.78 -1.70 9.43
C ASP B 99 -6.54 -0.54 8.49
N ILE B 100 -6.87 0.65 8.97
CA ILE B 100 -6.72 1.82 8.16
C ILE B 100 -6.50 3.03 9.03
N ALA B 101 -5.69 3.95 8.54
CA ALA B 101 -5.24 5.09 9.33
C ALA B 101 -4.85 6.24 8.44
N LEU B 102 -5.01 7.45 8.94
CA LEU B 102 -4.59 8.65 8.22
C LEU B 102 -3.67 9.49 9.07
N MET B 103 -2.71 10.13 8.40
CA MET B 103 -1.76 11.02 9.05
C MET B 103 -1.78 12.30 8.28
N LYS B 104 -1.95 13.42 8.96
CA LYS B 104 -1.98 14.73 8.30
C LYS B 104 -0.62 15.30 8.51
N LEU B 105 -0.06 15.92 7.49
CA LEU B 105 1.31 16.35 7.61
C LEU B 105 1.37 17.75 8.15
N LYS B 106 2.39 17.98 8.98
CA LYS B 106 2.64 19.28 9.60
C LYS B 106 2.76 20.30 8.52
N LYS B 107 3.35 19.95 7.38
CA LYS B 107 3.47 20.89 6.28
C LYS B 107 3.29 20.14 4.96
N PRO B 108 2.34 20.57 4.11
CA PRO B 108 2.14 19.84 2.87
C PRO B 108 3.36 19.86 2.00
N VAL B 109 3.49 18.81 1.23
CA VAL B 109 4.66 18.49 0.48
C VAL B 109 4.46 19.05 -0.91
N ALA B 110 5.57 19.30 -1.61
CA ALA B 110 5.54 19.74 -3.00
C ALA B 110 5.62 18.54 -3.88
N PHE B 111 4.77 18.45 -4.90
CA PHE B 111 4.87 17.32 -5.83
C PHE B 111 6.10 17.53 -6.69
N SER B 112 6.68 16.42 -7.14
CA SER B 112 7.85 16.43 -8.02
C SER B 112 7.77 15.20 -8.91
N ASP B 113 8.83 14.94 -9.66
CA ASP B 113 8.90 13.71 -10.46
C ASP B 113 8.90 12.43 -9.63
N TYR B 114 9.31 12.52 -8.37
CA TYR B 114 9.40 11.34 -7.49
C TYR B 114 8.29 11.31 -6.43
N ILE B 115 7.41 12.32 -6.45
CA ILE B 115 6.41 12.60 -5.39
C ILE B 115 5.10 13.07 -6.00
N HIS B 116 4.10 12.20 -5.96
CA HIS B 116 2.83 12.50 -6.58
C HIS B 116 1.79 11.65 -5.89
N PRO B 117 0.55 12.14 -5.80
CA PRO B 117 -0.51 11.37 -5.14
C PRO B 117 -1.22 10.35 -6.00
N VAL B 118 -1.82 9.36 -5.35
CA VAL B 118 -2.60 8.31 -6.03
C VAL B 118 -4.10 8.67 -6.01
N CYS B 119 -4.86 8.09 -6.93
CA CYS B 119 -6.29 8.32 -6.93
C CYS B 119 -6.91 7.33 -5.98
N LEU B 120 -8.08 7.71 -5.49
CA LEU B 120 -8.97 6.82 -4.75
C LEU B 120 -10.15 6.47 -5.61
N PRO B 121 -10.67 5.25 -5.47
CA PRO B 121 -11.56 4.75 -6.46
C PRO B 121 -12.97 5.20 -6.17
N ASP B 122 -13.80 5.22 -7.22
CA ASP B 122 -15.23 5.37 -7.09
C ASP B 122 -15.87 4.04 -6.86
N ARG B 123 -17.16 4.12 -6.56
CA ARG B 123 -18.10 3.01 -6.71
C ARG B 123 -17.86 2.37 -8.05
N GLU B 124 -17.96 3.20 -9.09
CA GLU B 124 -17.74 2.81 -10.49
C GLU B 124 -16.43 2.05 -10.68
N THR B 125 -15.35 2.71 -10.27
CA THR B 125 -13.99 2.23 -10.47
C THR B 125 -13.69 0.96 -9.69
N ALA B 126 -14.15 0.93 -8.43
CA ALA B 126 -14.00 -0.25 -7.56
C ALA B 126 -14.84 -1.44 -8.04
N ALA B 127 -16.08 -1.13 -8.37
CA ALA B 127 -17.00 -2.07 -9.00
C ALA B 127 -16.41 -2.88 -10.20
N SER B 128 -15.58 -2.24 -11.02
CA SER B 128 -15.14 -2.88 -12.25
C SER B 128 -13.78 -3.55 -12.13
N LEU B 129 -12.88 -3.02 -11.29
CA LEU B 129 -11.48 -3.52 -11.23
C LEU B 129 -11.22 -4.49 -10.09
N LEU B 130 -11.82 -4.22 -8.95
CA LEU B 130 -11.74 -5.14 -7.84
C LEU B 130 -12.62 -6.35 -8.18
N GLN B 131 -12.03 -7.25 -8.97
CA GLN B 131 -12.65 -8.48 -9.40
C GLN B 131 -11.58 -9.54 -9.47
N ALA B 132 -11.95 -10.76 -9.12
CA ALA B 132 -10.96 -11.83 -8.95
C ALA B 132 -10.27 -12.10 -10.25
N GLY B 133 -8.97 -12.44 -10.15
CA GLY B 133 -8.12 -12.78 -11.31
C GLY B 133 -7.40 -11.59 -11.92
N TYR B 134 -8.09 -10.45 -11.97
CA TYR B 134 -7.49 -9.16 -12.28
C TYR B 134 -6.28 -8.89 -11.38
N LYS B 135 -5.22 -8.37 -11.98
CA LYS B 135 -3.97 -8.07 -11.29
C LYS B 135 -3.84 -6.60 -10.76
N GLY B 136 -3.06 -6.46 -9.68
CA GLY B 136 -2.69 -5.17 -9.09
C GLY B 136 -1.21 -5.19 -8.77
N ARG B 137 -0.75 -4.20 -8.02
CA ARG B 137 0.67 -4.05 -7.75
C ARG B 137 0.97 -3.58 -6.33
N VAL B 138 1.73 -4.42 -5.60
CA VAL B 138 2.18 -4.12 -4.27
C VAL B 138 3.61 -3.64 -4.34
N THR B 139 3.89 -2.58 -3.62
CA THR B 139 5.25 -2.07 -3.47
C THR B 139 5.59 -1.83 -2.01
N GLY B 140 6.84 -2.12 -1.65
CA GLY B 140 7.34 -1.80 -0.30
C GLY B 140 8.81 -2.12 -0.08
N TRP B 141 9.36 -1.64 1.05
CA TRP B 141 10.74 -1.92 1.47
C TRP B 141 10.80 -3.06 2.50
N GLY B 142 9.70 -3.80 2.65
CA GLY B 142 9.57 -4.83 3.67
C GLY B 142 10.46 -6.02 3.39
N ASN B 143 10.37 -7.04 4.23
CA ASN B 143 11.30 -8.15 4.13
C ASN B 143 11.04 -8.95 2.89
N LEU B 144 12.12 -9.55 2.37
CA LEU B 144 12.12 -10.34 1.13
C LEU B 144 11.78 -11.83 1.27
N LYS B 145 11.73 -12.32 2.52
CA LYS B 145 11.30 -13.69 2.86
C LYS B 145 11.03 -13.74 4.38
N GLU B 146 10.33 -14.78 4.82
CA GLU B 146 9.92 -14.90 6.25
C GLU B 146 11.04 -15.30 7.24
N THR B 147 12.01 -16.12 6.83
CA THR B 147 13.31 -16.28 7.55
C THR B 147 14.47 -16.42 6.57
N GLY B 155 18.71 -10.09 3.76
CA GLY B 155 17.43 -10.33 4.45
C GLY B 155 16.31 -9.30 4.25
N GLN B 156 16.70 -8.02 4.20
CA GLN B 156 15.82 -6.91 3.84
C GLN B 156 16.46 -6.17 2.61
N PRO B 157 15.67 -5.56 1.68
CA PRO B 157 16.25 -5.02 0.42
C PRO B 157 16.73 -3.57 0.43
N SER B 158 17.70 -3.26 -0.43
CA SER B 158 18.40 -1.97 -0.43
C SER B 158 17.65 -0.85 -1.09
N VAL B 159 16.77 -1.21 -2.01
CA VAL B 159 15.95 -0.30 -2.82
C VAL B 159 14.49 -0.81 -2.80
N LEU B 160 13.54 0.04 -3.20
CA LEU B 160 12.09 -0.32 -3.18
C LEU B 160 11.73 -1.52 -4.09
N GLN B 161 10.89 -2.44 -3.59
CA GLN B 161 10.45 -3.64 -4.34
C GLN B 161 9.04 -3.50 -4.86
N VAL B 162 8.81 -4.14 -6.02
CA VAL B 162 7.52 -4.18 -6.70
C VAL B 162 7.19 -5.61 -7.02
N VAL B 163 5.91 -5.96 -6.82
CA VAL B 163 5.39 -7.18 -7.38
C VAL B 163 3.91 -7.08 -7.74
N ASN B 164 3.55 -7.81 -8.79
CA ASN B 164 2.20 -7.87 -9.32
C ASN B 164 1.43 -9.15 -9.00
N LEU B 165 0.24 -8.99 -8.42
CA LEU B 165 -0.47 -10.14 -7.92
C LEU B 165 -1.93 -10.17 -8.35
N PRO B 166 -2.46 -11.39 -8.65
CA PRO B 166 -3.85 -11.52 -9.00
C PRO B 166 -4.73 -11.50 -7.77
N ILE B 167 -5.86 -10.82 -7.86
CA ILE B 167 -6.86 -10.85 -6.79
C ILE B 167 -7.42 -12.27 -6.73
N VAL B 168 -7.90 -12.65 -5.55
CA VAL B 168 -8.46 -13.99 -5.31
C VAL B 168 -9.92 -13.94 -4.86
N GLU B 169 -10.65 -14.97 -5.26
CA GLU B 169 -12.09 -15.14 -5.02
C GLU B 169 -12.35 -15.12 -3.52
N ARG B 170 -13.31 -14.32 -3.09
CA ARG B 170 -13.62 -14.16 -1.68
C ARG B 170 -13.71 -15.50 -0.94
N PRO B 171 -14.49 -16.47 -1.49
CA PRO B 171 -14.50 -17.80 -0.89
C PRO B 171 -13.10 -18.39 -0.63
N VAL B 172 -12.22 -18.31 -1.63
CA VAL B 172 -10.89 -18.94 -1.56
C VAL B 172 -10.05 -18.35 -0.43
N CYS B 173 -10.15 -17.03 -0.23
CA CYS B 173 -9.52 -16.38 0.91
C CYS B 173 -10.02 -17.01 2.22
N LYS B 174 -11.34 -17.14 2.33
CA LYS B 174 -12.01 -17.69 3.53
C LYS B 174 -11.54 -19.12 3.88
N ASP B 175 -11.45 -19.95 2.84
CA ASP B 175 -10.96 -21.32 2.94
C ASP B 175 -9.45 -21.44 3.13
N SER B 176 -8.69 -20.40 2.78
CA SER B 176 -7.22 -20.39 2.99
C SER B 176 -6.75 -20.00 4.40
N THR B 177 -7.65 -19.66 5.31
CA THR B 177 -7.22 -19.31 6.65
C THR B 177 -8.27 -19.56 7.72
N ARG B 178 -7.79 -19.43 8.95
CA ARG B 178 -8.63 -19.56 10.15
C ARG B 178 -9.19 -18.20 10.59
N ILE B 179 -8.48 -17.10 10.29
CA ILE B 179 -8.83 -15.78 10.87
C ILE B 179 -10.21 -15.40 10.38
N ARG B 180 -11.01 -14.82 11.28
CA ARG B 180 -12.31 -14.36 10.85
C ARG B 180 -12.19 -13.17 9.86
N ILE B 181 -12.16 -13.56 8.58
CA ILE B 181 -12.28 -12.69 7.37
C ILE B 181 -13.54 -11.80 7.45
N THR B 182 -13.50 -10.62 6.80
CA THR B 182 -14.64 -9.73 6.70
C THR B 182 -14.72 -9.14 5.30
N ASP B 183 -15.82 -8.43 5.05
CA ASP B 183 -15.95 -7.67 3.80
C ASP B 183 -14.98 -6.49 3.64
N ASN B 184 -14.38 -5.97 4.72
CA ASN B 184 -13.31 -4.94 4.61
C ASN B 184 -11.87 -5.45 4.35
N MET B 185 -11.75 -6.61 3.72
CA MET B 185 -10.47 -7.23 3.38
C MET B 185 -10.61 -7.90 2.04
N PHE B 186 -9.55 -7.91 1.24
CA PHE B 186 -9.45 -8.81 0.10
C PHE B 186 -8.06 -9.47 0.03
N CYS B 187 -8.02 -10.67 -0.53
CA CYS B 187 -6.78 -11.43 -0.57
C CYS B 187 -6.32 -11.48 -1.99
N ALA B 188 -5.03 -11.72 -2.17
CA ALA B 188 -4.44 -11.74 -3.49
C ALA B 188 -3.08 -12.39 -3.46
N GLY B 189 -2.73 -12.99 -4.59
CA GLY B 189 -1.64 -13.93 -4.68
C GLY B 189 -2.01 -15.09 -5.59
N TYR B 190 -0.99 -15.83 -6.00
CA TYR B 190 -1.17 -16.98 -6.87
C TYR B 190 -1.51 -18.30 -6.11
N LYS B 191 -1.87 -19.31 -6.91
CA LYS B 191 -2.21 -20.64 -6.41
C LYS B 191 -1.12 -21.58 -6.87
N PRO B 192 -1.06 -22.77 -6.25
CA PRO B 192 0.06 -23.67 -6.57
C PRO B 192 0.05 -24.20 -8.02
N ASP B 193 -1.13 -24.34 -8.61
CA ASP B 193 -1.28 -24.75 -10.04
C ASP B 193 -0.52 -23.83 -10.98
N GLU B 194 -0.74 -22.52 -10.77
CA GLU B 194 -0.33 -21.45 -11.68
C GLU B 194 1.16 -21.30 -11.92
N GLY B 195 1.99 -21.87 -11.03
CA GLY B 195 3.44 -21.82 -11.17
C GLY B 195 3.99 -20.41 -11.39
N LYS B 196 3.49 -19.45 -10.62
CA LYS B 196 4.05 -18.11 -10.45
C LYS B 196 4.10 -17.91 -8.95
N ARG B 197 4.77 -16.87 -8.49
CA ARG B 197 4.88 -16.66 -7.06
C ARG B 197 4.65 -15.21 -6.78
N GLY B 198 4.73 -14.82 -5.51
CA GLY B 198 4.70 -13.43 -5.13
C GLY B 198 3.87 -13.21 -3.88
N ASP B 199 4.38 -12.36 -2.98
CA ASP B 199 3.58 -11.93 -1.84
C ASP B 199 4.32 -10.80 -1.20
N ALA B 200 3.58 -10.12 -0.32
CA ALA B 200 4.10 -9.14 0.58
C ALA B 200 4.43 -9.76 1.92
N CYS B 201 5.07 -8.94 2.73
CA CYS B 201 5.67 -9.41 3.95
C CYS B 201 5.70 -8.38 5.08
N GLU B 202 6.18 -8.85 6.22
CA GLU B 202 6.39 -7.99 7.38
C GLU B 202 7.23 -6.78 6.95
N GLY B 203 6.82 -5.58 7.37
CA GLY B 203 7.42 -4.32 6.91
C GLY B 203 6.73 -3.64 5.74
N ASP B 204 5.95 -4.39 4.96
CA ASP B 204 5.20 -3.82 3.83
C ASP B 204 3.87 -3.18 4.22
N SER B 205 3.49 -3.32 5.47
CA SER B 205 2.20 -2.83 5.89
C SER B 205 2.08 -1.37 5.59
N GLY B 206 0.84 -0.98 5.31
CA GLY B 206 0.52 0.41 5.06
C GLY B 206 0.72 0.81 3.63
N GLY B 207 1.56 0.09 2.90
CA GLY B 207 1.82 0.41 1.51
C GLY B 207 0.64 0.05 0.62
N PRO B 208 0.66 0.51 -0.63
CA PRO B 208 -0.51 0.40 -1.45
C PRO B 208 -0.53 -0.75 -2.44
N PHE B 209 -1.71 -1.36 -2.57
CA PHE B 209 -2.06 -2.28 -3.63
C PHE B 209 -2.76 -1.38 -4.63
N VAL B 210 -2.12 -1.13 -5.75
CA VAL B 210 -2.70 -0.21 -6.73
C VAL B 210 -3.05 -0.95 -8.01
N MET B 211 -3.89 -0.29 -8.80
CA MET B 211 -4.40 -0.78 -10.04
C MET B 211 -4.47 0.37 -11.04
N LYS B 212 -4.09 0.10 -12.28
CA LYS B 212 -4.24 1.07 -13.38
C LYS B 212 -5.59 0.94 -14.07
N SER B 213 -6.29 2.06 -14.27
CA SER B 213 -7.54 2.05 -15.01
C SER B 213 -7.29 2.03 -16.51
N PRO B 214 -7.81 1.01 -17.22
CA PRO B 214 -7.72 1.00 -18.65
C PRO B 214 -8.62 2.07 -19.32
N PHE B 215 -9.73 2.48 -18.67
CA PHE B 215 -10.53 3.61 -19.19
C PHE B 215 -9.71 4.93 -19.27
N ASN B 216 -9.15 5.38 -18.15
CA ASN B 216 -8.55 6.73 -18.09
C ASN B 216 -7.07 6.75 -17.79
N ASN B 217 -6.44 5.60 -17.72
CA ASN B 217 -5.00 5.52 -17.59
C ASN B 217 -4.40 5.94 -16.21
N ARG B 218 -5.22 6.13 -15.19
CA ARG B 218 -4.68 6.53 -13.89
C ARG B 218 -4.50 5.35 -12.95
N TRP B 219 -3.64 5.53 -11.96
CA TRP B 219 -3.46 4.55 -10.90
C TRP B 219 -4.41 4.92 -9.74
N TYR B 220 -5.13 3.92 -9.25
CA TYR B 220 -6.01 4.07 -8.09
C TYR B 220 -5.58 3.10 -7.01
N GLN B 221 -5.63 3.55 -5.76
CA GLN B 221 -5.26 2.66 -4.65
C GLN B 221 -6.45 1.87 -4.13
N MET B 222 -6.45 0.57 -4.43
CA MET B 222 -7.56 -0.32 -4.08
C MET B 222 -7.41 -0.98 -2.72
N GLY B 223 -6.15 -1.24 -2.35
CA GLY B 223 -5.81 -1.87 -1.08
C GLY B 223 -4.69 -1.22 -0.32
N ILE B 224 -4.60 -1.57 0.96
CA ILE B 224 -3.51 -1.19 1.87
C ILE B 224 -3.00 -2.52 2.32
N VAL B 225 -1.70 -2.69 2.48
CA VAL B 225 -1.17 -3.98 2.94
C VAL B 225 -1.50 -4.12 4.40
N SER B 226 -2.25 -5.18 4.73
CA SER B 226 -2.72 -5.37 6.09
C SER B 226 -2.10 -6.55 6.77
N TRP B 227 -2.27 -7.74 6.21
CA TRP B 227 -1.79 -8.94 6.89
C TRP B 227 -1.57 -10.11 5.97
N GLY B 228 -0.92 -11.13 6.54
CA GLY B 228 -0.81 -12.47 5.97
C GLY B 228 -0.43 -13.54 6.99
N GLU B 229 -0.06 -14.71 6.50
CA GLU B 229 0.36 -15.82 7.34
C GLU B 229 1.69 -16.31 6.75
N GLY B 230 2.79 -15.75 7.25
CA GLY B 230 4.10 -16.10 6.74
C GLY B 230 4.24 -15.24 5.50
N CYS B 231 5.11 -15.61 4.56
CA CYS B 231 5.22 -14.77 3.35
C CYS B 231 5.54 -15.57 2.08
N ASP B 232 4.65 -15.50 1.10
CA ASP B 232 4.78 -16.27 -0.15
C ASP B 232 4.43 -17.73 0.07
N ARG B 233 3.81 -18.02 1.20
CA ARG B 233 3.47 -19.39 1.50
C ARG B 233 2.54 -19.98 0.44
N ASP B 234 2.79 -21.26 0.09
CA ASP B 234 1.91 -22.07 -0.73
C ASP B 234 0.49 -22.02 -0.20
N GLY B 235 -0.46 -21.84 -1.12
CA GLY B 235 -1.88 -21.75 -0.72
C GLY B 235 -2.25 -20.78 0.40
N LYS B 236 -1.50 -19.69 0.51
CA LYS B 236 -1.87 -18.56 1.38
C LYS B 236 -1.81 -17.30 0.55
N TYR B 237 -2.56 -16.32 1.00
CA TYR B 237 -2.78 -15.12 0.23
C TYR B 237 -2.52 -13.90 1.09
N GLY B 238 -2.06 -12.84 0.45
CA GLY B 238 -1.85 -11.60 1.17
C GLY B 238 -3.22 -11.01 1.44
N PHE B 239 -3.30 -10.22 2.51
CA PHE B 239 -4.53 -9.50 2.81
C PHE B 239 -4.27 -7.99 2.84
N TYR B 240 -5.14 -7.30 2.12
CA TYR B 240 -5.07 -5.89 1.96
C TYR B 240 -6.42 -5.36 2.48
N THR B 241 -6.38 -4.27 3.24
CA THR B 241 -7.57 -3.55 3.64
C THR B 241 -8.29 -3.14 2.34
N HIS B 242 -9.61 -3.31 2.32
CA HIS B 242 -10.48 -2.85 1.22
C HIS B 242 -10.69 -1.34 1.37
N VAL B 243 -9.99 -0.57 0.53
CA VAL B 243 -9.92 0.89 0.67
C VAL B 243 -11.25 1.50 0.38
N PHE B 244 -11.80 1.17 -0.79
CA PHE B 244 -13.06 1.76 -1.18
C PHE B 244 -14.13 1.62 -0.09
N ARG B 245 -14.37 0.41 0.39
CA ARG B 245 -15.33 0.17 1.48
C ARG B 245 -15.26 1.14 2.65
N LEU B 246 -14.05 1.67 2.88
CA LEU B 246 -13.76 2.64 3.95
C LEU B 246 -13.55 4.08 3.52
N LYS B 247 -13.71 4.32 2.23
CA LYS B 247 -13.73 5.66 1.62
C LYS B 247 -14.59 6.70 2.34
N LYS B 248 -15.74 6.32 2.89
CA LYS B 248 -16.59 7.36 3.54
C LYS B 248 -15.93 7.82 4.82
N TRP B 249 -15.32 6.90 5.54
CA TRP B 249 -14.60 7.29 6.73
C TRP B 249 -13.51 8.28 6.33
N ILE B 250 -12.72 7.87 5.34
CA ILE B 250 -11.66 8.67 4.77
C ILE B 250 -12.19 10.02 4.45
N GLN B 251 -13.21 10.05 3.61
CA GLN B 251 -13.74 11.31 3.12
C GLN B 251 -14.12 12.22 4.30
N LYS B 252 -14.78 11.63 5.29
CA LYS B 252 -15.19 12.34 6.49
C LYS B 252 -14.05 12.93 7.28
N VAL B 253 -12.98 12.17 7.44
CA VAL B 253 -11.86 12.64 8.23
C VAL B 253 -11.18 13.81 7.54
N ILE B 254 -11.05 13.74 6.23
CA ILE B 254 -10.35 14.79 5.50
C ILE B 254 -11.10 16.12 5.51
N ASP B 255 -12.42 16.05 5.35
CA ASP B 255 -13.29 17.22 5.47
C ASP B 255 -13.40 17.70 6.97
N GLN B 256 -13.30 16.75 7.91
CA GLN B 256 -13.02 16.98 9.36
C GLN B 256 -14.00 17.88 10.08
N 0G6 D . 0.69 -13.11 10.73
CA 0G6 D . -0.20 -12.16 11.32
C 0G6 D . 0.03 -10.79 10.75
O 0G6 D . 0.23 -10.70 9.55
CB 0G6 D . -1.65 -12.62 11.10
CG 0G6 D . -2.58 -11.94 12.06
CD1 0G6 D . -3.69 -11.25 11.58
CD2 0G6 D . -2.35 -11.98 13.44
CE1 0G6 D . -4.56 -10.61 12.48
CE2 0G6 D . -3.20 -11.32 14.34
CZ 0G6 D . -4.32 -10.64 13.86
N1 0G6 D . 0.01 -9.71 11.56
CA1 0G6 D . -0.06 -8.35 11.03
C1 0G6 D . 1.24 -7.97 10.37
O1 0G6 D . 2.28 -8.52 10.73
CB1 0G6 D . -0.38 -7.44 12.21
CG1 0G6 D . -0.37 -8.29 13.46
CD 0G6 D . 0.07 -9.67 13.03
N2 0G6 D . 1.15 -7.08 9.38
CA2 0G6 D . 2.30 -6.79 8.55
C2 0G6 D . 2.72 -5.34 8.67
O2 0G6 D . 4.04 -5.04 8.24
CB2 0G6 D . 1.95 -7.17 7.11
CG2 0G6 D . 1.92 -8.67 7.02
CD3 0G6 D . 1.69 -9.10 5.60
NE 0G6 D . 1.84 -10.53 5.41
CZ1 0G6 D . 1.76 -11.08 4.17
NH1 0G6 D . 1.44 -10.38 3.07
NH2 0G6 D . 2.04 -12.39 4.02
C3 0G6 D . 2.73 -4.78 10.09
K K E . 27.42 12.73 -2.29
#